data_9ABP
#
_entry.id   9ABP
#
_cell.length_a   55.460
_cell.length_b   71.820
_cell.length_c   77.840
_cell.angle_alpha   90.00
_cell.angle_beta   90.00
_cell.angle_gamma   90.00
#
_symmetry.space_group_name_H-M   'P 21 21 21'
#
loop_
_entity.id
_entity.type
_entity.pdbx_description
1 polymer 'L-ARABINOSE-BINDING PROTEIN'
2 non-polymer alpha-D-galactopyranose
3 non-polymer beta-D-galactopyranose
4 water water
#
_entity_poly.entity_id   1
_entity_poly.type   'polypeptide(L)'
_entity_poly.pdbx_seq_one_letter_code
;ENLKLGFLVKQPEEPWFQTEWKFADKAGKDLGFEVIKIAVPDGEKTLNAIDSLAASGAKGFVICTPDPKLGSAIVAKARG
YDMKVIAVDDQFVNAKGKPMDTVPLVMMAATKIGERQGQELYKEMQKRGWDVKESAVMAITANELDTARRRTTGSMDALK
AAGFPEKQIYQVPTKSNDIPGAFDAANSMLVQHPEVKHWLIVGMNDSTVLGGVRATEGQGFKAADIIGIGINGVDAVSEL
SKAQATGFYGSLLGSPDVHGYKSSEMLYNWVAKDVEPPKFTEVTDVVLITRDNFKEELEKKGLGGK
;
_entity_poly.pdbx_strand_id   A
#
loop_
_chem_comp.id
_chem_comp.type
_chem_comp.name
_chem_comp.formula
GAL D-saccharide, beta linking beta-D-galactopyranose 'C6 H12 O6'
GLA D-saccharide, alpha linking alpha-D-galactopyranose 'C6 H12 O6'
#
# COMPACT_ATOMS: atom_id res chain seq x y z
N ASN A 2 -9.75 -16.25 -24.76
CA ASN A 2 -9.47 -17.70 -24.63
C ASN A 2 -8.29 -17.89 -23.67
N LEU A 3 -7.32 -17.02 -23.83
CA LEU A 3 -6.12 -16.99 -22.99
C LEU A 3 -6.50 -16.61 -21.55
N LYS A 4 -5.92 -17.34 -20.62
CA LYS A 4 -6.14 -17.13 -19.19
C LYS A 4 -4.84 -16.64 -18.54
N LEU A 5 -4.98 -15.54 -17.81
CA LEU A 5 -3.91 -14.96 -17.01
C LEU A 5 -4.40 -14.74 -15.58
N GLY A 6 -3.54 -15.09 -14.64
CA GLY A 6 -3.86 -15.03 -13.20
C GLY A 6 -3.55 -13.63 -12.67
N PHE A 7 -4.31 -13.27 -11.66
CA PHE A 7 -4.05 -12.05 -10.87
C PHE A 7 -4.15 -12.37 -9.38
N LEU A 8 -2.98 -12.58 -8.80
CA LEU A 8 -2.83 -13.01 -7.41
C LEU A 8 -2.52 -11.79 -6.54
N VAL A 9 -3.28 -11.69 -5.45
CA VAL A 9 -3.12 -10.60 -4.48
C VAL A 9 -3.05 -11.15 -3.06
N LYS A 10 -2.27 -10.46 -2.24
CA LYS A 10 -2.00 -10.85 -0.86
C LYS A 10 -3.19 -10.59 0.04
N GLN A 11 -3.88 -9.50 -0.24
CA GLN A 11 -4.94 -8.98 0.66
C GLN A 11 -6.14 -8.54 -0.17
N PRO A 12 -7.05 -9.49 -0.37
CA PRO A 12 -8.20 -9.29 -1.27
C PRO A 12 -9.31 -8.51 -0.58
N GLU A 13 -9.10 -8.25 0.71
CA GLU A 13 -10.12 -7.64 1.57
C GLU A 13 -9.97 -6.13 1.60
N GLU A 14 -8.86 -5.68 1.06
CA GLU A 14 -8.55 -4.23 1.01
C GLU A 14 -8.86 -3.69 -0.37
N PRO A 15 -9.61 -2.59 -0.37
CA PRO A 15 -10.18 -2.03 -1.60
C PRO A 15 -9.12 -1.82 -2.67
N TRP A 16 -7.91 -1.53 -2.20
CA TRP A 16 -6.76 -1.32 -3.11
C TRP A 16 -6.66 -2.50 -4.09
N PHE A 17 -6.67 -3.69 -3.51
CA PHE A 17 -6.46 -4.94 -4.24
C PHE A 17 -7.70 -5.31 -5.06
N GLN A 18 -8.84 -4.99 -4.49
CA GLN A 18 -10.15 -5.19 -5.14
C GLN A 18 -10.21 -4.38 -6.44
N THR A 19 -9.64 -3.18 -6.37
CA THR A 19 -9.68 -2.24 -7.50
C THR A 19 -8.72 -2.68 -8.60
N GLU A 20 -7.60 -3.23 -8.16
CA GLU A 20 -6.58 -3.78 -9.08
C GLU A 20 -7.20 -4.93 -9.89
N TRP A 21 -8.06 -5.67 -9.21
CA TRP A 21 -8.78 -6.81 -9.82
C TRP A 21 -9.75 -6.28 -10.88
N LYS A 22 -10.48 -5.26 -10.47
CA LYS A 22 -11.54 -4.66 -11.29
C LYS A 22 -10.97 -4.17 -12.61
N PHE A 23 -9.77 -3.61 -12.53
CA PHE A 23 -9.15 -2.96 -13.69
C PHE A 23 -8.37 -3.97 -14.52
N ALA A 24 -8.05 -5.09 -13.88
CA ALA A 24 -7.53 -6.28 -14.57
C ALA A 24 -8.60 -6.87 -15.48
N ASP A 25 -9.81 -6.89 -14.93
CA ASP A 25 -11.01 -7.33 -15.65
C ASP A 25 -11.16 -6.51 -16.94
N LYS A 26 -11.08 -5.21 -16.77
CA LYS A 26 -11.25 -4.25 -17.87
C LYS A 26 -10.25 -4.55 -18.99
N ALA A 27 -9.01 -4.74 -18.58
CA ALA A 27 -7.92 -5.03 -19.52
C ALA A 27 -8.25 -6.31 -20.30
N GLY A 28 -8.81 -7.27 -19.57
CA GLY A 28 -9.21 -8.57 -20.12
C GLY A 28 -10.25 -8.38 -21.22
N LYS A 29 -11.23 -7.55 -20.89
CA LYS A 29 -12.31 -7.20 -21.82
C LYS A 29 -11.72 -6.60 -23.10
N ASP A 30 -10.84 -5.64 -22.88
CA ASP A 30 -10.23 -4.86 -23.97
C ASP A 30 -9.47 -5.79 -24.92
N LEU A 31 -8.63 -6.62 -24.32
CA LEU A 31 -7.56 -7.33 -25.03
C LEU A 31 -8.01 -8.72 -25.43
N GLY A 32 -9.06 -9.17 -24.79
CA GLY A 32 -9.64 -10.51 -25.04
C GLY A 32 -8.79 -11.58 -24.33
N PHE A 33 -8.86 -11.55 -23.02
CA PHE A 33 -8.25 -12.56 -22.15
C PHE A 33 -9.03 -12.63 -20.83
N GLU A 34 -8.99 -13.81 -20.25
CA GLU A 34 -9.72 -14.11 -19.01
C GLU A 34 -8.76 -14.02 -17.81
N VAL A 35 -9.23 -13.34 -16.78
CA VAL A 35 -8.48 -13.15 -15.54
C VAL A 35 -9.02 -14.10 -14.46
N ILE A 36 -8.10 -14.88 -13.94
CA ILE A 36 -8.33 -15.76 -12.79
C ILE A 36 -7.84 -15.08 -11.52
N LYS A 37 -8.79 -14.68 -10.71
CA LYS A 37 -8.54 -13.89 -9.49
C LYS A 37 -8.37 -14.81 -8.29
N ILE A 38 -7.17 -14.77 -7.72
CA ILE A 38 -6.81 -15.61 -6.58
C ILE A 38 -6.22 -14.76 -5.45
N ALA A 39 -6.67 -15.09 -4.25
CA ALA A 39 -6.06 -14.60 -3.01
C ALA A 39 -4.92 -15.52 -2.60
N VAL A 40 -3.80 -14.90 -2.27
CA VAL A 40 -2.60 -15.60 -1.78
C VAL A 40 -2.06 -14.89 -0.54
N PRO A 41 -2.80 -15.10 0.55
CA PRO A 41 -2.54 -14.41 1.82
C PRO A 41 -1.26 -14.87 2.47
N ASP A 42 -0.82 -16.08 2.12
CA ASP A 42 0.37 -16.68 2.71
C ASP A 42 1.18 -17.42 1.65
N GLY A 43 2.35 -17.88 2.06
CA GLY A 43 3.36 -18.45 1.20
C GLY A 43 2.85 -19.73 0.52
N GLU A 44 2.22 -20.57 1.32
CA GLU A 44 1.80 -21.90 0.88
C GLU A 44 0.72 -21.77 -0.20
N LYS A 45 -0.27 -20.95 0.12
CA LYS A 45 -1.39 -20.68 -0.78
C LYS A 45 -0.89 -20.09 -2.10
N THR A 46 0.22 -19.36 -1.99
CA THR A 46 0.86 -18.75 -3.16
C THR A 46 1.35 -19.85 -4.10
N LEU A 47 2.07 -20.79 -3.53
CA LEU A 47 2.70 -21.88 -4.30
C LEU A 47 1.64 -22.82 -4.85
N ASN A 48 0.62 -23.04 -4.03
CA ASN A 48 -0.52 -23.89 -4.39
C ASN A 48 -1.31 -23.25 -5.53
N ALA A 49 -1.39 -21.93 -5.47
CA ALA A 49 -2.18 -21.13 -6.41
C ALA A 49 -1.61 -21.23 -7.82
N ILE A 50 -0.28 -21.23 -7.89
CA ILE A 50 0.44 -21.35 -9.16
C ILE A 50 0.19 -22.72 -9.78
N ASP A 51 0.24 -23.72 -8.94
CA ASP A 51 -0.08 -25.10 -9.34
C ASP A 51 -1.46 -25.12 -10.01
N SER A 52 -2.40 -24.50 -9.30
CA SER A 52 -3.80 -24.43 -9.71
C SER A 52 -3.93 -23.71 -11.05
N LEU A 53 -3.24 -22.59 -11.14
CA LEU A 53 -3.16 -21.81 -12.38
C LEU A 53 -2.78 -22.71 -13.55
N ALA A 54 -1.72 -23.47 -13.31
CA ALA A 54 -1.13 -24.33 -14.33
C ALA A 54 -2.15 -25.38 -14.79
N ALA A 55 -2.93 -25.83 -13.83
CA ALA A 55 -4.01 -26.79 -14.05
C ALA A 55 -5.05 -26.19 -15.00
N SER A 56 -5.34 -24.93 -14.74
CA SER A 56 -6.35 -24.17 -15.50
C SER A 56 -5.81 -23.88 -16.91
N GLY A 57 -4.49 -23.89 -17.00
CA GLY A 57 -3.76 -23.68 -18.25
C GLY A 57 -3.61 -22.20 -18.56
N ALA A 58 -3.38 -21.44 -17.51
CA ALA A 58 -2.98 -20.02 -17.63
C ALA A 58 -1.55 -19.96 -18.16
N LYS A 59 -1.24 -18.84 -18.79
CA LYS A 59 0.03 -18.65 -19.50
C LYS A 59 0.95 -17.71 -18.74
N GLY A 60 0.43 -17.20 -17.64
CA GLY A 60 1.17 -16.25 -16.79
C GLY A 60 0.21 -15.64 -15.75
N PHE A 61 0.78 -14.78 -14.92
CA PHE A 61 0.04 -14.15 -13.84
C PHE A 61 0.74 -12.86 -13.40
N VAL A 62 -0.08 -11.92 -12.95
CA VAL A 62 0.38 -10.81 -12.10
C VAL A 62 0.18 -11.19 -10.63
N ILE A 63 1.18 -10.83 -9.83
CA ILE A 63 1.18 -11.16 -8.40
C ILE A 63 1.69 -9.99 -7.57
N CYS A 64 0.93 -9.72 -6.51
CA CYS A 64 1.46 -9.09 -5.29
C CYS A 64 1.65 -10.15 -4.21
N THR A 65 2.91 -10.47 -3.99
CA THR A 65 3.33 -11.53 -3.07
C THR A 65 3.09 -11.11 -1.62
N PRO A 66 2.64 -12.09 -0.84
CA PRO A 66 2.46 -11.90 0.61
C PRO A 66 3.82 -11.86 1.31
N ASP A 67 4.84 -12.21 0.55
CA ASP A 67 6.23 -12.29 1.05
C ASP A 67 7.21 -12.09 -0.12
N PRO A 68 7.98 -11.01 0.00
CA PRO A 68 9.00 -10.67 -1.00
C PRO A 68 9.99 -11.81 -1.18
N LYS A 69 10.17 -12.55 -0.10
CA LYS A 69 11.24 -13.56 -0.01
C LYS A 69 10.82 -14.88 -0.65
N LEU A 70 9.62 -14.87 -1.20
CA LEU A 70 9.08 -16.01 -1.95
C LEU A 70 9.53 -15.94 -3.41
N GLY A 71 10.16 -14.82 -3.72
CA GLY A 71 10.56 -14.45 -5.08
C GLY A 71 11.10 -15.67 -5.83
N SER A 72 12.19 -16.19 -5.30
CA SER A 72 12.94 -17.29 -5.94
C SER A 72 11.99 -18.43 -6.30
N ALA A 73 11.22 -18.85 -5.31
CA ALA A 73 10.32 -20.00 -5.43
C ALA A 73 9.29 -19.75 -6.53
N ILE A 74 8.72 -18.55 -6.51
CA ILE A 74 7.70 -18.15 -7.46
C ILE A 74 8.21 -18.28 -8.90
N VAL A 75 9.39 -17.73 -9.10
CA VAL A 75 10.04 -17.70 -10.42
C VAL A 75 10.26 -19.14 -10.91
N ALA A 76 10.82 -19.94 -10.02
CA ALA A 76 11.17 -21.33 -10.28
C ALA A 76 9.93 -22.11 -10.74
N LYS A 77 8.87 -21.97 -9.96
CA LYS A 77 7.59 -22.64 -10.23
C LYS A 77 7.08 -22.18 -11.59
N ALA A 78 7.18 -20.89 -11.82
CA ALA A 78 6.76 -20.24 -13.06
C ALA A 78 7.48 -20.87 -14.25
N ARG A 79 8.79 -20.73 -14.22
CA ARG A 79 9.67 -21.22 -15.30
C ARG A 79 9.25 -22.65 -15.69
N GLY A 80 8.98 -23.41 -14.65
CA GLY A 80 8.65 -24.84 -14.78
C GLY A 80 7.38 -25.05 -15.60
N TYR A 81 6.51 -24.06 -15.54
CA TYR A 81 5.18 -24.15 -16.13
C TYR A 81 5.11 -23.33 -17.41
N ASP A 82 6.25 -22.77 -17.79
CA ASP A 82 6.36 -21.89 -18.96
C ASP A 82 5.38 -20.71 -18.80
N MET A 83 5.37 -20.17 -17.61
CA MET A 83 4.55 -19.01 -17.25
C MET A 83 5.45 -17.77 -17.10
N LYS A 84 4.96 -16.69 -17.66
CA LYS A 84 5.57 -15.35 -17.45
C LYS A 84 4.92 -14.70 -16.23
N VAL A 85 5.76 -14.03 -15.46
CA VAL A 85 5.34 -13.35 -14.22
C VAL A 85 5.64 -11.85 -14.30
N ILE A 86 4.68 -11.09 -13.82
CA ILE A 86 4.89 -9.66 -13.50
C ILE A 86 4.49 -9.40 -12.05
N ALA A 87 5.37 -8.67 -11.38
CA ALA A 87 5.14 -8.26 -9.98
C ALA A 87 4.45 -6.90 -9.94
N VAL A 88 3.49 -6.82 -9.04
CA VAL A 88 2.77 -5.56 -8.77
C VAL A 88 2.83 -5.24 -7.28
N ASP A 89 3.14 -3.98 -7.01
CA ASP A 89 3.16 -3.41 -5.66
C ASP A 89 4.48 -3.74 -4.95
N ASP A 90 4.60 -4.99 -4.59
CA ASP A 90 5.70 -5.49 -3.73
C ASP A 90 6.73 -6.21 -4.61
N GLN A 91 7.98 -5.79 -4.43
CA GLN A 91 9.10 -6.30 -5.23
C GLN A 91 9.63 -7.60 -4.63
N PHE A 92 9.98 -8.51 -5.52
CA PHE A 92 10.70 -9.75 -5.17
C PHE A 92 12.10 -9.38 -4.66
N VAL A 93 12.53 -10.09 -3.65
CA VAL A 93 13.91 -10.02 -3.15
C VAL A 93 14.50 -11.42 -3.04
N ASN A 94 15.81 -11.46 -3.04
CA ASN A 94 16.58 -12.71 -2.90
C ASN A 94 16.62 -13.12 -1.43
N ALA A 95 17.41 -14.15 -1.18
CA ALA A 95 17.58 -14.72 0.17
C ALA A 95 18.20 -13.68 1.09
N LYS A 96 19.05 -12.86 0.50
CA LYS A 96 19.83 -11.84 1.22
C LYS A 96 19.03 -10.54 1.32
N GLY A 97 17.93 -10.52 0.58
CA GLY A 97 16.95 -9.43 0.64
C GLY A 97 17.33 -8.33 -0.33
N LYS A 98 18.09 -8.73 -1.34
CA LYS A 98 18.38 -7.87 -2.51
C LYS A 98 17.29 -8.07 -3.56
N PRO A 99 16.87 -6.94 -4.13
CA PRO A 99 15.79 -6.91 -5.12
C PRO A 99 16.17 -7.70 -6.36
N MET A 100 15.21 -8.48 -6.83
CA MET A 100 15.34 -9.27 -8.06
C MET A 100 14.94 -8.42 -9.27
N ASP A 101 15.95 -7.85 -9.88
CA ASP A 101 15.80 -6.84 -10.93
C ASP A 101 15.10 -7.43 -12.14
N THR A 102 15.18 -8.74 -12.23
CA THR A 102 14.96 -9.49 -13.47
C THR A 102 13.47 -9.66 -13.76
N VAL A 103 12.68 -9.56 -12.72
CA VAL A 103 11.21 -9.62 -12.81
C VAL A 103 10.66 -8.21 -13.01
N PRO A 104 9.84 -8.08 -14.04
CA PRO A 104 9.15 -6.81 -14.33
C PRO A 104 8.22 -6.46 -13.17
N LEU A 105 8.29 -5.20 -12.77
CA LEU A 105 7.55 -4.68 -11.63
C LEU A 105 6.78 -3.42 -12.02
N VAL A 106 5.59 -3.29 -11.45
CA VAL A 106 4.87 -2.02 -11.37
C VAL A 106 4.50 -1.71 -9.93
N MET A 107 4.98 -0.56 -9.49
CA MET A 107 4.86 -0.13 -8.08
C MET A 107 4.61 1.38 -8.02
N MET A 108 4.28 1.82 -6.82
CA MET A 108 4.09 3.26 -6.54
C MET A 108 5.43 3.89 -6.16
N ALA A 109 5.53 5.16 -6.50
CA ALA A 109 6.74 5.96 -6.23
C ALA A 109 6.88 6.17 -4.72
N ALA A 110 7.32 5.12 -4.06
CA ALA A 110 7.23 4.97 -2.61
C ALA A 110 7.79 6.19 -1.88
N THR A 111 9.04 6.48 -2.19
CA THR A 111 9.77 7.59 -1.55
C THR A 111 9.00 8.89 -1.67
N LYS A 112 8.57 9.17 -2.89
CA LYS A 112 7.93 10.44 -3.24
C LYS A 112 6.60 10.59 -2.52
N ILE A 113 5.86 9.51 -2.46
CA ILE A 113 4.55 9.49 -1.78
C ILE A 113 4.75 9.65 -0.27
N GLY A 114 5.76 8.97 0.22
CA GLY A 114 6.13 9.00 1.64
C GLY A 114 6.40 10.44 2.06
N GLU A 115 7.17 11.12 1.23
CA GLU A 115 7.67 12.46 1.52
C GLU A 115 6.53 13.48 1.47
N ARG A 116 5.53 13.12 0.68
CA ARG A 116 4.32 13.94 0.51
C ARG A 116 3.41 13.78 1.73
N GLN A 117 3.41 12.58 2.27
CA GLN A 117 2.72 12.28 3.54
C GLN A 117 3.28 13.16 4.65
N GLY A 118 4.60 13.22 4.71
CA GLY A 118 5.34 13.94 5.72
C GLY A 118 5.06 15.44 5.62
N GLN A 119 5.18 15.94 4.40
CA GLN A 119 4.87 17.35 4.08
C GLN A 119 3.51 17.72 4.69
N GLU A 120 2.54 16.94 4.28
CA GLU A 120 1.12 17.21 4.54
C GLU A 120 0.80 17.05 6.03
N LEU A 121 1.53 16.18 6.67
CA LEU A 121 1.44 16.01 8.15
C LEU A 121 1.83 17.31 8.83
N TYR A 122 3.00 17.80 8.46
CA TYR A 122 3.57 19.02 9.06
C TYR A 122 2.66 20.21 8.80
N LYS A 123 2.13 20.25 7.59
CA LYS A 123 1.26 21.34 7.11
C LYS A 123 0.04 21.47 8.00
N GLU A 124 -0.60 20.35 8.26
CA GLU A 124 -1.82 20.30 9.08
C GLU A 124 -1.50 20.61 10.53
N MET A 125 -0.34 20.14 10.97
CA MET A 125 0.14 20.45 12.33
C MET A 125 0.24 21.97 12.52
N GLN A 126 0.91 22.58 11.55
CA GLN A 126 1.11 24.03 11.52
C GLN A 126 -0.24 24.74 11.57
N LYS A 127 -1.19 24.17 10.85
CA LYS A 127 -2.55 24.67 10.76
C LYS A 127 -3.19 24.75 12.15
N ARG A 128 -2.90 23.74 12.95
CA ARG A 128 -3.60 23.51 14.22
C ARG A 128 -2.93 24.25 15.36
N GLY A 129 -1.71 24.66 15.11
CA GLY A 129 -0.93 25.51 16.02
C GLY A 129 -0.47 24.73 17.23
N TRP A 130 -0.24 23.44 17.02
CA TRP A 130 0.35 22.56 18.04
C TRP A 130 1.70 23.15 18.47
N ASP A 131 1.96 23.03 19.76
CA ASP A 131 3.30 23.26 20.32
C ASP A 131 4.17 22.01 20.08
N VAL A 132 5.21 22.23 19.31
CA VAL A 132 6.12 21.15 18.90
C VAL A 132 6.62 20.39 20.13
N LYS A 133 6.70 21.14 21.21
CA LYS A 133 7.30 20.68 22.46
C LYS A 133 6.56 19.49 23.03
N GLU A 134 5.26 19.47 22.80
CA GLU A 134 4.37 18.46 23.39
C GLU A 134 3.74 17.59 22.31
N SER A 135 4.38 17.61 21.15
CA SER A 135 3.99 16.80 19.99
C SER A 135 5.03 15.70 19.78
N ALA A 136 4.59 14.65 19.09
CA ALA A 136 5.47 13.53 18.72
C ALA A 136 4.93 12.84 17.47
N VAL A 137 5.83 12.14 16.82
CA VAL A 137 5.53 11.28 15.66
C VAL A 137 5.64 9.81 16.09
N MET A 138 4.57 9.10 15.81
CA MET A 138 4.53 7.63 15.98
C MET A 138 4.60 6.97 14.59
N ALA A 139 5.76 6.39 14.34
CA ALA A 139 6.05 5.77 13.04
C ALA A 139 5.94 4.25 13.16
N ILE A 140 4.83 3.75 12.64
CA ILE A 140 4.57 2.30 12.56
C ILE A 140 5.15 1.76 11.26
N THR A 141 6.11 0.85 11.42
CA THR A 141 7.00 0.44 10.33
C THR A 141 6.83 -1.04 10.01
N ALA A 142 7.06 -1.35 8.75
CA ALA A 142 7.18 -2.72 8.26
C ALA A 142 8.41 -2.83 7.34
N ASN A 143 9.56 -2.79 7.98
CA ASN A 143 10.84 -2.50 7.33
C ASN A 143 11.24 -3.63 6.38
N GLU A 144 10.60 -4.77 6.58
CA GLU A 144 10.94 -6.00 5.84
C GLU A 144 10.34 -5.94 4.44
N LEU A 145 9.41 -5.02 4.26
CA LEU A 145 8.83 -4.70 2.96
C LEU A 145 9.38 -3.36 2.47
N ASP A 146 10.10 -3.44 1.35
CA ASP A 146 10.81 -2.31 0.78
C ASP A 146 9.86 -1.13 0.56
N THR A 147 8.84 -1.39 -0.25
CA THR A 147 7.92 -0.34 -0.71
C THR A 147 7.34 0.39 0.49
N ALA A 148 7.18 -0.35 1.58
CA ALA A 148 6.66 0.18 2.84
C ALA A 148 7.75 1.01 3.54
N ARG A 149 8.93 0.44 3.55
CA ARG A 149 10.12 1.03 4.16
C ARG A 149 10.37 2.43 3.59
N ARG A 150 10.39 2.49 2.27
CA ARG A 150 10.72 3.70 1.52
C ARG A 150 9.67 4.77 1.76
N ARG A 151 8.47 4.32 2.07
CA ARG A 151 7.31 5.20 2.30
C ARG A 151 7.44 5.93 3.62
N THR A 152 7.68 5.16 4.67
CA THR A 152 7.69 5.69 6.04
C THR A 152 8.96 6.50 6.28
N THR A 153 10.05 6.03 5.69
CA THR A 153 11.34 6.71 5.76
C THR A 153 11.25 8.08 5.08
N GLY A 154 10.55 8.08 3.97
CA GLY A 154 10.30 9.29 3.16
C GLY A 154 9.55 10.32 3.99
N SER A 155 8.61 9.82 4.77
CA SER A 155 7.72 10.64 5.60
C SER A 155 8.52 11.26 6.75
N MET A 156 9.31 10.42 7.39
CA MET A 156 10.19 10.82 8.50
C MET A 156 11.20 11.84 8.02
N ASP A 157 11.78 11.56 6.86
CA ASP A 157 12.77 12.44 6.23
C ASP A 157 12.18 13.83 6.03
N ALA A 158 10.97 13.84 5.51
CA ALA A 158 10.27 15.08 5.14
C ALA A 158 9.95 15.90 6.38
N LEU A 159 9.57 15.19 7.43
CA LEU A 159 9.22 15.82 8.71
C LEU A 159 10.46 16.45 9.33
N LYS A 160 11.53 15.67 9.32
CA LYS A 160 12.83 16.09 9.83
C LYS A 160 13.35 17.27 9.03
N ALA A 161 13.06 17.24 7.75
CA ALA A 161 13.48 18.26 6.79
C ALA A 161 12.71 19.56 7.04
N ALA A 162 11.49 19.38 7.51
CA ALA A 162 10.54 20.46 7.75
C ALA A 162 10.83 21.15 9.08
N GLY A 163 11.55 20.44 9.93
CA GLY A 163 12.09 21.01 11.16
C GLY A 163 11.60 20.29 12.39
N PHE A 164 10.79 19.27 12.17
CA PHE A 164 10.27 18.44 13.28
C PHE A 164 11.45 17.75 13.98
N PRO A 165 11.53 17.99 15.28
CA PRO A 165 12.63 17.49 16.11
C PRO A 165 12.80 15.98 15.92
N GLU A 166 14.02 15.60 15.60
CA GLU A 166 14.41 14.22 15.31
C GLU A 166 14.09 13.32 16.49
N LYS A 167 14.25 13.86 17.68
CA LYS A 167 14.29 13.09 18.92
C LYS A 167 12.86 12.78 19.40
N GLN A 168 11.90 13.38 18.72
CA GLN A 168 10.49 13.26 19.07
C GLN A 168 9.76 12.42 18.01
N ILE A 169 10.56 11.61 17.33
CA ILE A 169 10.05 10.63 16.36
C ILE A 169 10.34 9.22 16.88
N TYR A 170 9.25 8.52 17.18
CA TYR A 170 9.31 7.18 17.78
C TYR A 170 8.76 6.14 16.79
N GLN A 171 9.61 5.19 16.49
CA GLN A 171 9.28 4.08 15.58
C GLN A 171 8.83 2.86 16.40
N VAL A 172 7.93 2.12 15.78
CA VAL A 172 7.47 0.82 16.32
C VAL A 172 7.07 -0.09 15.16
N PRO A 173 7.73 -1.24 15.12
CA PRO A 173 7.44 -2.27 14.10
C PRO A 173 6.08 -2.89 14.37
N THR A 174 5.33 -3.06 13.30
CA THR A 174 4.05 -3.80 13.33
C THR A 174 4.26 -5.20 12.79
N LYS A 175 3.51 -6.12 13.36
CA LYS A 175 3.64 -7.56 13.07
C LYS A 175 2.85 -7.93 11.83
N SER A 176 1.92 -7.05 11.48
CA SER A 176 1.07 -7.23 10.28
C SER A 176 0.59 -5.87 9.78
N ASN A 177 0.42 -5.83 8.46
CA ASN A 177 0.07 -4.59 7.75
C ASN A 177 -1.45 -4.42 7.69
N ASP A 178 -2.04 -4.45 8.86
CA ASP A 178 -3.51 -4.33 9.01
C ASP A 178 -3.81 -3.49 10.27
N ILE A 179 -5.10 -3.38 10.55
CA ILE A 179 -5.58 -2.56 11.66
C ILE A 179 -5.20 -3.15 13.00
N PRO A 180 -5.49 -4.44 13.15
CA PRO A 180 -5.16 -5.16 14.38
C PRO A 180 -3.68 -5.04 14.70
N GLY A 181 -2.87 -5.26 13.68
CA GLY A 181 -1.41 -5.21 13.77
C GLY A 181 -0.97 -3.84 14.28
N ALA A 182 -1.38 -2.82 13.56
CA ALA A 182 -0.99 -1.43 13.81
C ALA A 182 -1.49 -0.97 15.17
N PHE A 183 -2.68 -1.45 15.51
CA PHE A 183 -3.33 -1.14 16.79
C PHE A 183 -2.41 -1.55 17.95
N ASP A 184 -2.02 -2.81 17.91
CA ASP A 184 -1.14 -3.41 18.91
C ASP A 184 0.13 -2.55 19.07
N ALA A 185 0.75 -2.32 17.92
CA ALA A 185 2.00 -1.57 17.83
C ALA A 185 1.86 -0.21 18.50
N ALA A 186 0.89 0.54 18.01
CA ALA A 186 0.65 1.92 18.44
C ALA A 186 0.36 1.97 19.94
N ASN A 187 -0.45 1.02 20.37
CA ASN A 187 -0.89 0.94 21.78
C ASN A 187 0.31 0.87 22.70
N SER A 188 1.26 0.06 22.29
CA SER A 188 2.45 -0.26 23.10
C SER A 188 3.37 0.94 23.20
N MET A 189 3.26 1.81 22.21
CA MET A 189 4.11 3.01 22.08
C MET A 189 3.51 4.16 22.88
N LEU A 190 2.19 4.18 22.94
CA LEU A 190 1.45 5.27 23.59
C LEU A 190 1.74 5.29 25.09
N VAL A 191 1.68 4.10 25.68
CA VAL A 191 1.76 3.96 27.14
C VAL A 191 3.17 4.30 27.61
N GLN A 192 4.06 4.43 26.65
CA GLN A 192 5.48 4.71 26.89
C GLN A 192 5.72 6.22 26.93
N HIS A 193 4.75 6.95 26.41
CA HIS A 193 4.90 8.41 26.17
C HIS A 193 3.69 9.17 26.69
N PRO A 194 3.62 9.23 28.02
CA PRO A 194 2.57 9.95 28.72
C PRO A 194 2.65 11.44 28.52
N GLU A 195 3.83 11.91 28.15
CA GLU A 195 4.15 13.33 28.09
C GLU A 195 3.57 14.00 26.86
N VAL A 196 3.29 13.18 25.86
CA VAL A 196 2.79 13.69 24.56
C VAL A 196 1.32 14.02 24.67
N LYS A 197 0.96 15.13 24.04
CA LYS A 197 -0.41 15.66 24.05
C LYS A 197 -1.01 15.59 22.64
N HIS A 198 -0.13 15.50 21.66
CA HIS A 198 -0.53 15.49 20.24
C HIS A 198 0.40 14.54 19.47
N TRP A 199 -0.23 13.71 18.64
CA TRP A 199 0.45 12.71 17.84
C TRP A 199 0.22 12.97 16.34
N LEU A 200 1.31 12.93 15.61
CA LEU A 200 1.33 12.58 14.18
C LEU A 200 1.55 11.07 14.05
N ILE A 201 0.71 10.44 13.24
CA ILE A 201 0.80 9.01 12.97
C ILE A 201 1.27 8.76 11.53
N VAL A 202 2.40 8.08 11.45
CA VAL A 202 3.05 7.73 10.19
C VAL A 202 2.92 6.22 9.95
N GLY A 203 2.43 5.90 8.76
CA GLY A 203 2.22 4.51 8.33
C GLY A 203 2.22 4.46 6.80
N MET A 204 2.50 3.27 6.29
CA MET A 204 2.75 3.04 4.86
C MET A 204 1.46 3.02 4.06
N ASN A 205 0.37 2.75 4.74
CA ASN A 205 -0.95 2.65 4.08
C ASN A 205 -2.07 3.01 5.05
N ASP A 206 -3.27 3.02 4.50
CA ASP A 206 -4.49 3.45 5.20
C ASP A 206 -4.67 2.65 6.49
N SER A 207 -4.65 1.34 6.33
CA SER A 207 -4.95 0.40 7.43
C SER A 207 -4.03 0.66 8.61
N THR A 208 -2.75 0.81 8.30
CA THR A 208 -1.70 1.01 9.30
C THR A 208 -1.97 2.27 10.12
N VAL A 209 -2.33 3.32 9.40
CA VAL A 209 -2.62 4.63 10.00
C VAL A 209 -3.92 4.58 10.80
N LEU A 210 -4.87 3.83 10.26
CA LEU A 210 -6.17 3.63 10.90
C LEU A 210 -5.99 2.90 12.24
N GLY A 211 -5.18 1.86 12.20
CA GLY A 211 -4.82 1.09 13.39
C GLY A 211 -4.29 2.03 14.48
N GLY A 212 -3.39 2.89 14.05
CA GLY A 212 -2.75 3.89 14.91
C GLY A 212 -3.79 4.79 15.55
N VAL A 213 -4.70 5.27 14.70
CA VAL A 213 -5.73 6.23 15.11
C VAL A 213 -6.65 5.60 16.14
N ARG A 214 -7.07 4.38 15.85
CA ARG A 214 -8.01 3.64 16.72
C ARG A 214 -7.41 3.48 18.10
N ALA A 215 -6.09 3.32 18.13
CA ALA A 215 -5.34 3.13 19.36
C ALA A 215 -5.35 4.39 20.21
N THR A 216 -5.12 5.52 19.55
CA THR A 216 -5.01 6.82 20.23
C THR A 216 -6.33 7.17 20.90
N GLU A 217 -7.40 6.86 20.20
CA GLU A 217 -8.77 7.11 20.69
C GLU A 217 -9.00 6.28 21.96
N GLY A 218 -8.33 5.15 21.99
CA GLY A 218 -8.46 4.15 23.06
C GLY A 218 -7.72 4.62 24.31
N GLN A 219 -6.76 5.52 24.07
CA GLN A 219 -5.93 6.09 25.13
C GLN A 219 -6.38 7.51 25.44
N GLY A 220 -7.55 7.84 24.92
CA GLY A 220 -8.33 9.00 25.34
C GLY A 220 -7.79 10.29 24.73
N PHE A 221 -7.34 10.16 23.49
CA PHE A 221 -7.00 11.32 22.64
C PHE A 221 -8.24 11.66 21.78
N LYS A 222 -8.50 12.96 21.72
CA LYS A 222 -9.59 13.50 20.88
C LYS A 222 -9.02 13.85 19.50
N ALA A 223 -9.94 13.98 18.56
CA ALA A 223 -9.63 14.14 17.14
C ALA A 223 -8.61 15.24 16.93
N ALA A 224 -8.83 16.34 17.63
CA ALA A 224 -8.08 17.58 17.44
C ALA A 224 -6.59 17.35 17.65
N ASP A 225 -6.30 16.31 18.42
CA ASP A 225 -4.95 16.08 18.97
C ASP A 225 -4.21 15.02 18.18
N ILE A 226 -4.85 14.56 17.11
CA ILE A 226 -4.31 13.49 16.27
C ILE A 226 -4.39 13.89 14.79
N ILE A 227 -3.29 13.65 14.09
CA ILE A 227 -3.24 13.74 12.63
C ILE A 227 -2.60 12.47 12.07
N GLY A 228 -3.42 11.73 11.34
CA GLY A 228 -2.97 10.57 10.56
C GLY A 228 -3.43 10.74 9.10
N ILE A 229 -2.45 10.67 8.22
CA ILE A 229 -2.70 10.66 6.76
C ILE A 229 -2.22 9.34 6.17
N GLY A 230 -3.21 8.58 5.70
CA GLY A 230 -2.99 7.27 5.11
C GLY A 230 -2.47 7.38 3.68
N ILE A 231 -2.13 6.24 3.13
CA ILE A 231 -1.77 6.09 1.72
C ILE A 231 -2.63 4.99 1.09
N ASN A 232 -3.16 5.32 -0.07
CA ASN A 232 -3.96 4.42 -0.90
C ASN A 232 -5.20 5.17 -1.41
N GLY A 233 -5.93 5.72 -0.46
CA GLY A 233 -7.11 6.54 -0.74
C GLY A 233 -8.38 5.68 -0.67
N VAL A 234 -8.41 4.68 -1.54
CA VAL A 234 -9.60 3.85 -1.72
C VAL A 234 -9.91 3.06 -0.45
N ASP A 235 -8.88 2.85 0.34
CA ASP A 235 -8.97 2.06 1.58
C ASP A 235 -9.67 2.88 2.68
N ALA A 236 -9.74 4.17 2.46
CA ALA A 236 -10.00 5.13 3.52
C ALA A 236 -11.45 5.61 3.51
N VAL A 237 -12.19 5.14 2.52
CA VAL A 237 -13.49 5.72 2.16
C VAL A 237 -14.48 5.60 3.30
N SER A 238 -14.44 4.46 3.98
CA SER A 238 -15.37 4.17 5.08
C SER A 238 -15.17 5.17 6.22
N GLU A 239 -13.93 5.56 6.40
CA GLU A 239 -13.53 6.46 7.49
C GLU A 239 -13.98 7.88 7.20
N LEU A 240 -13.64 8.34 6.01
CA LEU A 240 -13.90 9.71 5.55
C LEU A 240 -15.40 9.95 5.43
N SER A 241 -16.15 8.86 5.50
CA SER A 241 -17.58 8.85 5.23
C SER A 241 -18.39 8.99 6.51
N LYS A 242 -17.70 8.80 7.63
CA LYS A 242 -18.31 8.88 8.96
C LYS A 242 -18.91 10.27 9.18
N ALA A 243 -19.89 10.31 10.07
CA ALA A 243 -20.56 11.56 10.45
C ALA A 243 -19.55 12.51 11.09
N GLN A 244 -18.81 11.97 12.04
CA GLN A 244 -17.89 12.73 12.89
C GLN A 244 -16.46 12.64 12.31
N ALA A 245 -15.78 13.75 12.38
CA ALA A 245 -14.33 13.82 12.07
C ALA A 245 -13.54 13.06 13.14
N THR A 246 -12.48 12.43 12.69
CA THR A 246 -11.61 11.62 13.54
C THR A 246 -10.16 12.06 13.41
N GLY A 247 -9.29 11.31 14.06
CA GLY A 247 -7.84 11.55 14.04
C GLY A 247 -7.30 11.34 12.64
N PHE A 248 -8.02 10.53 11.88
CA PHE A 248 -7.68 10.22 10.49
C PHE A 248 -8.18 11.36 9.58
N TYR A 249 -7.24 12.19 9.21
CA TYR A 249 -7.50 13.50 8.61
C TYR A 249 -7.76 13.39 7.11
N GLY A 250 -7.00 12.51 6.48
CA GLY A 250 -7.11 12.31 5.01
C GLY A 250 -6.17 11.20 4.57
N SER A 251 -6.15 11.00 3.26
CA SER A 251 -5.37 9.91 2.63
C SER A 251 -4.83 10.39 1.28
N LEU A 252 -3.70 9.82 0.93
CA LEU A 252 -3.09 10.02 -0.40
C LEU A 252 -3.61 8.93 -1.36
N LEU A 253 -4.46 9.37 -2.27
CA LEU A 253 -5.05 8.52 -3.30
C LEU A 253 -4.03 8.22 -4.39
N GLY A 254 -3.76 6.93 -4.56
CA GLY A 254 -2.87 6.43 -5.61
C GLY A 254 -3.69 6.07 -6.85
N SER A 255 -3.15 5.12 -7.59
CA SER A 255 -3.75 4.69 -8.88
C SER A 255 -3.72 3.17 -8.99
N PRO A 256 -4.58 2.53 -8.20
CA PRO A 256 -4.71 1.07 -8.21
C PRO A 256 -5.34 0.60 -9.52
N ASP A 257 -6.01 1.53 -10.16
CA ASP A 257 -6.58 1.33 -11.51
C ASP A 257 -5.46 1.09 -12.51
N VAL A 258 -4.47 1.97 -12.45
CA VAL A 258 -3.27 1.86 -13.29
C VAL A 258 -2.55 0.53 -13.01
N HIS A 259 -2.37 0.27 -11.72
CA HIS A 259 -1.63 -0.92 -11.25
C HIS A 259 -2.25 -2.19 -11.82
N GLY A 260 -3.57 -2.24 -11.79
CA GLY A 260 -4.34 -3.41 -12.20
C GLY A 260 -4.29 -3.57 -13.72
N TYR A 261 -4.61 -2.48 -14.39
CA TYR A 261 -4.79 -2.45 -15.85
C TYR A 261 -3.46 -2.62 -16.56
N LYS A 262 -2.49 -1.82 -16.13
CA LYS A 262 -1.19 -1.70 -16.79
C LYS A 262 -0.43 -3.02 -16.70
N SER A 263 -0.47 -3.59 -15.50
CA SER A 263 0.27 -4.83 -15.22
C SER A 263 -0.27 -5.99 -16.06
N SER A 264 -1.59 -5.99 -16.21
CA SER A 264 -2.31 -7.03 -16.94
C SER A 264 -2.05 -6.89 -18.44
N GLU A 265 -2.14 -5.65 -18.88
CA GLU A 265 -1.98 -5.27 -20.29
C GLU A 265 -0.58 -5.69 -20.79
N MET A 266 0.39 -5.49 -19.92
CA MET A 266 1.80 -5.76 -20.22
C MET A 266 2.08 -7.24 -20.28
N LEU A 267 1.41 -7.97 -19.41
CA LEU A 267 1.54 -9.43 -19.34
C LEU A 267 1.04 -10.06 -20.64
N TYR A 268 -0.16 -9.63 -21.00
CA TYR A 268 -0.84 -10.08 -22.23
C TYR A 268 0.08 -9.93 -23.43
N ASN A 269 0.57 -8.72 -23.59
CA ASN A 269 1.46 -8.35 -24.72
C ASN A 269 2.68 -9.27 -24.74
N TRP A 270 3.21 -9.45 -23.54
CA TRP A 270 4.39 -10.31 -23.33
C TRP A 270 4.06 -11.76 -23.73
N VAL A 271 2.90 -12.19 -23.25
CA VAL A 271 2.43 -13.56 -23.47
C VAL A 271 2.05 -13.78 -24.93
N ALA A 272 1.21 -12.86 -25.40
CA ALA A 272 0.58 -12.97 -26.72
C ALA A 272 1.58 -12.69 -27.83
N LYS A 273 2.39 -11.67 -27.61
CA LYS A 273 3.18 -11.04 -28.67
C LYS A 273 4.66 -11.05 -28.37
N ASP A 274 4.99 -11.66 -27.24
CA ASP A 274 6.37 -11.67 -26.71
C ASP A 274 6.98 -10.27 -26.82
N VAL A 275 6.22 -9.31 -26.32
CA VAL A 275 6.70 -7.92 -26.15
C VAL A 275 7.11 -7.71 -24.68
N GLU A 276 8.42 -7.61 -24.51
CA GLU A 276 9.05 -7.46 -23.19
C GLU A 276 8.63 -6.14 -22.55
N PRO A 277 7.97 -6.27 -21.41
CA PRO A 277 7.66 -5.11 -20.55
C PRO A 277 8.98 -4.52 -20.04
N PRO A 278 8.91 -3.23 -19.74
CA PRO A 278 9.99 -2.56 -18.99
C PRO A 278 10.11 -3.23 -17.60
N LYS A 279 11.35 -3.30 -17.15
CA LYS A 279 11.69 -3.97 -15.89
C LYS A 279 11.02 -3.28 -14.71
N PHE A 280 10.87 -1.98 -14.85
CA PHE A 280 10.44 -1.11 -13.75
C PHE A 280 9.46 -0.06 -14.30
N THR A 281 8.29 -0.06 -13.69
CA THR A 281 7.27 0.98 -13.88
C THR A 281 6.92 1.60 -12.54
N GLU A 282 7.14 2.90 -12.44
CA GLU A 282 6.84 3.69 -11.25
C GLU A 282 5.69 4.66 -11.52
N VAL A 283 4.66 4.51 -10.71
CA VAL A 283 3.43 5.31 -10.83
C VAL A 283 3.44 6.41 -9.78
N THR A 284 3.35 7.65 -10.25
CA THR A 284 3.69 8.84 -9.47
C THR A 284 2.45 9.60 -9.05
N ASP A 285 1.31 9.19 -9.60
CA ASP A 285 0.02 9.81 -9.28
C ASP A 285 -0.16 9.86 -7.75
N VAL A 286 -0.63 11.00 -7.31
CA VAL A 286 -1.16 11.17 -5.95
C VAL A 286 -2.03 12.43 -5.87
N VAL A 287 -3.06 12.31 -5.06
CA VAL A 287 -3.90 13.44 -4.62
C VAL A 287 -4.29 13.23 -3.16
N LEU A 288 -4.23 14.33 -2.42
CA LEU A 288 -4.75 14.35 -1.04
C LEU A 288 -6.28 14.43 -1.06
N ILE A 289 -6.88 13.41 -0.48
CA ILE A 289 -8.33 13.37 -0.26
C ILE A 289 -8.64 13.48 1.23
N THR A 290 -9.61 14.32 1.51
CA THR A 290 -10.06 14.60 2.89
C THR A 290 -11.57 14.41 2.98
N ARG A 291 -12.11 14.81 4.11
CA ARG A 291 -13.55 14.75 4.36
C ARG A 291 -14.30 15.60 3.34
N ASP A 292 -13.58 16.57 2.78
CA ASP A 292 -14.20 17.69 2.07
C ASP A 292 -14.25 17.45 0.58
N ASN A 293 -13.41 16.54 0.10
CA ASN A 293 -13.12 16.43 -1.33
C ASN A 293 -13.14 15.00 -1.82
N PHE A 294 -13.13 14.07 -0.89
CA PHE A 294 -12.92 12.64 -1.19
C PHE A 294 -13.85 12.21 -2.33
N LYS A 295 -15.07 12.71 -2.26
CA LYS A 295 -16.16 12.32 -3.16
C LYS A 295 -15.86 12.74 -4.60
N GLU A 296 -15.46 13.99 -4.73
CA GLU A 296 -15.10 14.57 -6.03
C GLU A 296 -13.98 13.72 -6.67
N GLU A 297 -12.93 13.56 -5.88
CA GLU A 297 -11.64 13.05 -6.34
C GLU A 297 -11.76 11.61 -6.82
N LEU A 298 -12.56 10.85 -6.10
CA LEU A 298 -12.85 9.46 -6.46
C LEU A 298 -13.54 9.40 -7.82
N GLU A 299 -14.52 10.27 -7.97
CA GLU A 299 -15.34 10.36 -9.19
C GLU A 299 -14.51 10.90 -10.33
N LYS A 300 -13.60 11.78 -9.97
CA LYS A 300 -12.68 12.43 -10.90
C LYS A 300 -11.73 11.41 -11.52
N LYS A 301 -11.35 10.45 -10.70
CA LYS A 301 -10.33 9.45 -11.06
C LYS A 301 -11.00 8.19 -11.61
N GLY A 302 -12.32 8.23 -11.60
CA GLY A 302 -13.14 7.18 -12.22
C GLY A 302 -13.35 6.01 -11.26
N LEU A 303 -12.92 6.23 -10.02
CA LEU A 303 -13.08 5.25 -8.94
C LEU A 303 -14.39 5.53 -8.19
N GLY A 304 -15.39 5.85 -8.98
CA GLY A 304 -16.68 6.33 -8.50
C GLY A 304 -17.13 5.54 -7.28
N GLY A 305 -17.85 6.26 -6.42
CA GLY A 305 -18.42 5.72 -5.18
C GLY A 305 -17.60 6.21 -3.99
N LYS A 306 -18.32 6.79 -3.04
CA LYS A 306 -17.73 7.32 -1.81
C LYS A 306 -18.85 7.75 -0.86
C1 GLA B . 1.64 -2.47 -0.49
C2 GLA B . 0.63 -2.13 0.58
C3 GLA B . -0.69 -1.80 -0.12
C4 GLA B . -0.52 -0.66 -1.12
C5 GLA B . 0.55 -1.08 -2.10
C6 GLA B . 0.79 0.02 -3.13
O1 GLA B . 1.21 -3.66 -1.18
O2 GLA B . 0.37 -3.21 1.49
O3 GLA B . -1.75 -1.58 0.81
O4 GLA B . -0.36 0.61 -0.49
O5 GLA B . 1.77 -1.38 -1.41
O6 GLA B . 1.65 -0.43 -4.19
C1 GAL C . 1.43 -2.70 -0.79
C2 GAL C . 0.47 -2.42 0.34
C3 GAL C . -0.82 -1.88 -0.28
C4 GAL C . -0.57 -0.65 -1.13
C5 GAL C . 0.46 -1.01 -2.19
C6 GAL C . 0.78 0.20 -3.06
O1 GAL C . 2.73 -3.10 -0.37
O2 GAL C . 0.13 -3.57 1.12
O3 GAL C . -1.84 -1.68 0.71
O4 GAL C . -0.29 0.52 -0.36
O5 GAL C . 1.64 -1.52 -1.57
O6 GAL C . 1.59 -0.19 -4.19
#